data_4GHI
#
_entry.id   4GHI
#
_cell.length_a   73.353
_cell.length_b   83.000
_cell.length_c   41.020
_cell.angle_alpha   90.00
_cell.angle_beta   105.98
_cell.angle_gamma   90.00
#
_symmetry.space_group_name_H-M   'C 1 2 1'
#
loop_
_entity.id
_entity.type
_entity.pdbx_description
1 polymer 'Endothelial PAS domain-containing protein 1'
2 polymer 'Aryl hydrocarbon receptor nuclear translocator'
3 non-polymer N-(3-chloro-5-fluorophenyl)-4-nitro-2,1,3-benzoxadiazol-5-amine
4 water water
#
loop_
_entity_poly.entity_id
_entity_poly.type
_entity_poly.pdbx_seq_one_letter_code
_entity_poly.pdbx_strand_id
1 'polypeptide(L)'
;GEFKGLDSKTFLSEHSMDMKFTYCDDRITELIGYHPEELLGRSAYEFYHALDSENMTKSHQNLCTKGQVVSGQYRMLAKH
GGYVWLETQGTVIYNPRNLQPQCIMCVNYVLSEIEKN
;
A
2 'polypeptide(L)'
;GEFKGLNVCQPTRFISRHNIEGIFTFVDHRCVATVGYQPQELLGKNIVEFCHPEDQQLLRDSFQQVVKLKGQVLSVMFRF
RSKNQEWLWMRTSSFTFQNPYSDEIEYIICTNTNVKNSSQE
;
B
#
# COMPACT_ATOMS: atom_id res chain seq x y z
N PHE A 3 -11.43 21.74 7.46
CA PHE A 3 -11.80 20.32 7.66
C PHE A 3 -11.62 19.49 6.39
N LYS A 4 -10.96 18.35 6.53
CA LYS A 4 -10.72 17.47 5.40
C LYS A 4 -11.44 16.12 5.59
N GLY A 5 -11.92 15.56 4.49
CA GLY A 5 -12.49 14.22 4.50
C GLY A 5 -11.43 13.15 4.65
N LEU A 6 -11.85 11.91 4.93
CA LEU A 6 -10.93 10.82 5.22
C LEU A 6 -9.93 10.52 4.13
N ASP A 7 -10.41 10.43 2.89
CA ASP A 7 -9.53 10.06 1.80
C ASP A 7 -8.40 11.09 1.69
N SER A 8 -8.71 12.35 1.95
N SER A 8 -8.72 12.33 1.97
CA SER A 8 -7.69 13.38 1.75
CA SER A 8 -7.77 13.42 1.78
C SER A 8 -6.59 13.33 2.79
C SER A 8 -6.73 13.53 2.89
N LYS A 9 -6.86 12.71 3.93
CA LYS A 9 -5.87 12.69 5.02
C LYS A 9 -5.08 11.39 5.09
N THR A 10 -5.25 10.54 4.09
N THR A 10 -5.29 10.50 4.13
CA THR A 10 -4.60 9.26 4.05
CA THR A 10 -4.54 9.25 4.08
C THR A 10 -3.71 9.18 2.81
C THR A 10 -3.70 9.21 2.82
N PHE A 11 -2.52 8.59 2.93
CA PHE A 11 -1.69 8.34 1.75
C PHE A 11 -0.97 7.03 1.92
N LEU A 12 -0.72 6.38 0.80
CA LEU A 12 -0.03 5.11 0.80
C LEU A 12 1.47 5.27 0.57
N SER A 13 2.30 4.47 1.24
CA SER A 13 3.71 4.45 0.86
C SER A 13 4.20 3.02 0.84
N GLU A 14 5.32 2.82 0.16
CA GLU A 14 6.01 1.53 0.09
C GLU A 14 7.44 1.77 0.44
N HIS A 15 8.02 0.80 1.13
CA HIS A 15 9.40 0.91 1.60
C HIS A 15 10.12 -0.40 1.34
N SER A 16 11.44 -0.31 1.12
CA SER A 16 12.26 -1.50 1.18
C SER A 16 12.43 -1.87 2.66
N MET A 17 13.04 -3.02 2.95
CA MET A 17 13.07 -3.53 4.32
C MET A 17 13.91 -2.63 5.24
N ASP A 18 14.78 -1.85 4.64
CA ASP A 18 15.57 -0.83 5.36
C ASP A 18 14.83 0.50 5.58
N MET A 19 13.54 0.53 5.23
CA MET A 19 12.65 1.68 5.45
C MET A 19 12.83 2.79 4.44
N LYS A 20 13.67 2.57 3.43
CA LYS A 20 13.77 3.55 2.36
C LYS A 20 12.47 3.58 1.55
N PHE A 21 11.96 4.77 1.25
CA PHE A 21 10.82 4.88 0.37
C PHE A 21 11.12 4.31 -1.02
N THR A 22 10.22 3.48 -1.50
CA THR A 22 10.24 3.01 -2.88
C THR A 22 9.04 3.52 -3.68
N TYR A 23 8.02 4.00 -2.97
CA TYR A 23 6.85 4.58 -3.62
C TYR A 23 6.16 5.46 -2.59
N CYS A 24 5.57 6.56 -3.03
CA CYS A 24 4.67 7.34 -2.18
C CYS A 24 3.58 7.94 -3.06
N ASP A 25 2.34 7.91 -2.57
CA ASP A 25 1.24 8.47 -3.33
C ASP A 25 1.18 10.01 -3.16
N ASP A 26 0.67 10.69 -4.18
CA ASP A 26 0.77 12.15 -4.26
C ASP A 26 -0.08 12.88 -3.23
N ARG A 27 -0.96 12.18 -2.54
CA ARG A 27 -1.71 12.82 -1.45
C ARG A 27 -0.80 13.38 -0.37
N ILE A 28 0.46 12.92 -0.28
CA ILE A 28 1.38 13.42 0.73
C ILE A 28 1.73 14.88 0.49
N THR A 29 1.71 15.30 -0.76
CA THR A 29 2.14 16.66 -1.10
C THR A 29 1.28 17.72 -0.42
N GLU A 30 -0.04 17.59 -0.50
CA GLU A 30 -0.91 18.58 0.13
C GLU A 30 -0.88 18.52 1.64
N LEU A 31 -0.47 17.39 2.18
CA LEU A 31 -0.51 17.17 3.61
C LEU A 31 0.80 17.58 4.29
N ILE A 32 1.92 17.22 3.68
CA ILE A 32 3.23 17.33 4.35
C ILE A 32 4.24 18.13 3.51
N GLY A 33 3.98 18.28 2.22
CA GLY A 33 4.76 19.18 1.38
C GLY A 33 5.65 18.48 0.37
N TYR A 34 5.99 17.22 0.61
CA TYR A 34 6.92 16.52 -0.24
C TYR A 34 6.32 16.09 -1.56
N HIS A 35 7.13 16.11 -2.61
CA HIS A 35 6.82 15.40 -3.85
C HIS A 35 7.30 13.98 -3.68
N PRO A 36 6.50 12.98 -4.07
CA PRO A 36 6.97 11.60 -3.88
C PRO A 36 8.39 11.34 -4.41
N GLU A 37 8.72 11.87 -5.58
CA GLU A 37 10.02 11.62 -6.20
C GLU A 37 11.18 11.98 -5.27
N GLU A 38 11.02 12.98 -4.41
CA GLU A 38 12.13 13.42 -3.56
C GLU A 38 12.29 12.56 -2.31
N LEU A 39 11.31 11.71 -2.03
CA LEU A 39 11.41 10.80 -0.90
C LEU A 39 12.08 9.51 -1.26
N LEU A 40 12.04 9.15 -2.54
CA LEU A 40 12.52 7.84 -2.95
C LEU A 40 13.99 7.67 -2.62
N GLY A 41 14.30 6.53 -2.02
CA GLY A 41 15.68 6.23 -1.66
C GLY A 41 16.14 6.82 -0.33
N ARG A 42 15.27 7.59 0.31
CA ARG A 42 15.53 8.10 1.65
C ARG A 42 14.83 7.22 2.68
N SER A 43 15.54 6.91 3.75
CA SER A 43 14.97 6.17 4.86
C SER A 43 13.91 6.98 5.63
N ALA A 44 12.81 6.33 5.98
CA ALA A 44 11.82 6.94 6.84
C ALA A 44 12.42 7.54 8.07
N TYR A 45 13.47 6.87 8.58
CA TYR A 45 14.11 7.32 9.80
C TYR A 45 14.66 8.76 9.70
N GLU A 46 14.93 9.25 8.49
CA GLU A 46 15.37 10.62 8.35
C GLU A 46 14.30 11.65 8.72
N PHE A 47 13.05 11.20 8.80
CA PHE A 47 11.93 12.11 8.97
C PHE A 47 11.26 12.06 10.32
N TYR A 48 11.59 11.10 11.17
CA TYR A 48 10.94 11.01 12.46
C TYR A 48 11.50 12.09 13.38
N HIS A 49 10.62 12.70 14.16
CA HIS A 49 11.07 13.54 15.26
C HIS A 49 12.04 12.76 16.17
N ALA A 50 13.05 13.46 16.70
CA ALA A 50 14.02 12.85 17.63
C ALA A 50 13.29 12.07 18.73
N LEU A 51 12.23 12.64 19.25
CA LEU A 51 11.58 12.05 20.43
C LEU A 51 10.72 10.84 20.10
N ASP A 52 10.55 10.54 18.81
CA ASP A 52 9.83 9.37 18.40
C ASP A 52 10.77 8.29 17.88
N SER A 53 12.08 8.56 17.85
CA SER A 53 12.99 7.71 17.09
C SER A 53 13.12 6.33 17.73
N GLU A 54 13.29 6.27 19.03
CA GLU A 54 13.39 4.99 19.73
C GLU A 54 12.07 4.19 19.62
N ASN A 55 10.92 4.85 19.74
CA ASN A 55 9.63 4.18 19.58
C ASN A 55 9.41 3.63 18.16
N MET A 56 9.85 4.34 17.14
N MET A 56 9.85 4.36 17.16
CA MET A 56 9.69 3.85 15.76
CA MET A 56 9.75 3.91 15.76
C MET A 56 10.66 2.70 15.42
C MET A 56 10.58 2.64 15.59
N THR A 57 11.83 2.70 16.06
CA THR A 57 12.75 1.57 15.92
C THR A 57 12.07 0.32 16.47
N LYS A 58 11.38 0.47 17.60
N LYS A 58 11.40 0.45 17.61
N LYS A 58 11.40 0.46 17.62
CA LYS A 58 10.67 -0.66 18.21
CA LYS A 58 10.72 -0.68 18.23
CA LYS A 58 10.67 -0.65 18.23
C LYS A 58 9.50 -1.12 17.35
C LYS A 58 9.55 -1.13 17.35
C LYS A 58 9.48 -1.04 17.38
N SER A 59 8.76 -0.16 16.79
N SER A 59 8.83 -0.15 16.80
CA SER A 59 7.65 -0.51 15.91
CA SER A 59 7.71 -0.43 15.93
C SER A 59 8.16 -1.25 14.66
C SER A 59 8.17 -1.22 14.70
N HIS A 60 9.26 -0.76 14.08
CA HIS A 60 9.88 -1.44 12.95
C HIS A 60 10.31 -2.87 13.32
N GLN A 61 10.87 -3.05 14.51
CA GLN A 61 11.23 -4.39 14.95
C GLN A 61 9.99 -5.27 15.05
N ASN A 62 8.91 -4.72 15.60
CA ASN A 62 7.69 -5.50 15.74
C ASN A 62 7.10 -5.87 14.37
N LEU A 63 7.14 -4.91 13.44
CA LEU A 63 6.67 -5.13 12.07
C LEU A 63 7.43 -6.29 11.42
N CYS A 64 8.75 -6.30 11.59
CA CYS A 64 9.58 -7.30 10.94
C CYS A 64 9.41 -8.67 11.55
N THR A 65 9.13 -8.73 12.84
CA THR A 65 8.94 -10.01 13.52
C THR A 65 7.53 -10.58 13.36
N LYS A 66 6.53 -9.70 13.32
CA LYS A 66 5.13 -10.13 13.29
C LYS A 66 4.49 -10.07 11.89
N GLY A 67 5.01 -9.22 11.03
CA GLY A 67 4.51 -9.12 9.67
C GLY A 67 3.58 -7.94 9.46
N GLN A 68 3.13 -7.33 10.55
CA GLN A 68 2.24 -6.17 10.50
C GLN A 68 2.41 -5.38 11.79
N VAL A 69 2.06 -4.10 11.76
CA VAL A 69 2.14 -3.28 12.97
C VAL A 69 1.24 -2.08 12.82
N VAL A 70 0.68 -1.61 13.93
CA VAL A 70 0.17 -0.26 14.02
C VAL A 70 1.21 0.54 14.79
N SER A 71 1.67 1.63 14.18
CA SER A 71 2.86 2.33 14.64
C SER A 71 2.72 3.02 15.98
N GLY A 72 1.51 3.47 16.31
CA GLY A 72 1.37 4.47 17.35
C GLY A 72 1.58 5.85 16.78
N GLN A 73 1.23 6.89 17.53
CA GLN A 73 1.35 8.23 17.00
C GLN A 73 2.82 8.66 16.92
N TYR A 74 3.18 9.33 15.85
CA TYR A 74 4.55 9.85 15.72
C TYR A 74 4.50 11.10 14.88
N ARG A 75 5.60 11.86 14.92
CA ARG A 75 5.73 13.07 14.13
C ARG A 75 6.65 12.86 12.95
N MET A 76 6.18 13.25 11.77
CA MET A 76 6.99 13.30 10.54
C MET A 76 7.37 14.75 10.25
N LEU A 77 8.68 14.99 10.07
CA LEU A 77 9.23 16.26 9.62
C LEU A 77 8.57 16.68 8.30
N ALA A 78 8.02 17.90 8.26
CA ALA A 78 7.37 18.40 7.06
C ALA A 78 8.39 19.11 6.17
N LYS A 79 8.07 19.22 4.88
CA LYS A 79 9.04 19.73 3.94
C LYS A 79 9.52 21.12 4.32
N HIS A 80 8.60 21.97 4.77
CA HIS A 80 8.96 23.38 4.99
C HIS A 80 9.08 23.76 6.46
N GLY A 81 9.35 22.77 7.30
CA GLY A 81 9.53 23.01 8.71
C GLY A 81 8.34 22.53 9.49
N GLY A 82 8.56 22.27 10.76
CA GLY A 82 7.52 21.74 11.61
C GLY A 82 7.30 20.26 11.35
N TYR A 83 6.31 19.74 12.04
CA TYR A 83 6.05 18.33 12.05
C TYR A 83 4.56 18.10 11.94
N VAL A 84 4.18 16.95 11.38
N VAL A 84 4.19 16.97 11.33
CA VAL A 84 2.79 16.57 11.33
CA VAL A 84 2.81 16.52 11.29
C VAL A 84 2.61 15.21 11.99
C VAL A 84 2.72 15.26 12.11
N TRP A 85 1.65 15.12 12.92
CA TRP A 85 1.38 13.88 13.61
C TRP A 85 0.71 12.88 12.65
N LEU A 86 1.22 11.65 12.65
CA LEU A 86 0.68 10.56 11.83
C LEU A 86 0.53 9.29 12.64
N GLU A 87 -0.24 8.37 12.07
N GLU A 87 -0.26 8.36 12.12
CA GLU A 87 -0.29 6.99 12.53
CA GLU A 87 -0.17 6.99 12.53
C GLU A 87 -0.25 6.12 11.26
C GLU A 87 -0.14 6.16 11.24
N THR A 88 0.54 5.05 11.31
CA THR A 88 0.76 4.20 10.16
C THR A 88 0.41 2.75 10.47
N GLN A 89 -0.32 2.12 9.55
CA GLN A 89 -0.50 0.68 9.61
C GLN A 89 0.50 0.11 8.59
N GLY A 90 1.49 -0.66 9.05
CA GLY A 90 2.49 -1.27 8.18
C GLY A 90 2.24 -2.76 7.99
N THR A 91 2.51 -3.26 6.80
CA THR A 91 2.37 -4.67 6.50
C THR A 91 3.54 -5.15 5.65
N VAL A 92 4.18 -6.24 6.04
CA VAL A 92 5.26 -6.78 5.24
C VAL A 92 4.68 -7.66 4.13
N ILE A 93 5.21 -7.47 2.94
CA ILE A 93 4.82 -8.25 1.78
C ILE A 93 5.91 -9.28 1.56
N TYR A 94 5.56 -10.58 1.58
CA TYR A 94 6.55 -11.65 1.57
C TYR A 94 6.48 -12.43 0.26
N PRO A 101 11.02 -11.59 3.11
CA PRO A 101 10.35 -10.29 2.97
C PRO A 101 10.74 -9.50 1.71
N GLN A 102 9.75 -8.90 1.04
CA GLN A 102 9.94 -8.17 -0.21
C GLN A 102 9.93 -6.63 -0.07
N CYS A 103 8.95 -6.15 0.65
CA CYS A 103 8.79 -4.72 0.91
C CYS A 103 7.79 -4.52 2.02
N ILE A 104 7.65 -3.28 2.45
CA ILE A 104 6.70 -2.86 3.46
C ILE A 104 5.68 -1.95 2.81
N MET A 105 4.41 -2.27 3.01
N MET A 105 4.40 -2.24 2.97
CA MET A 105 3.29 -1.47 2.51
CA MET A 105 3.38 -1.33 2.44
C MET A 105 2.74 -0.68 3.72
C MET A 105 2.61 -0.69 3.58
N CYS A 106 2.66 0.63 3.58
CA CYS A 106 2.12 1.46 4.65
C CYS A 106 0.87 2.21 4.24
N VAL A 107 -0.12 2.20 5.13
CA VAL A 107 -1.25 3.12 5.03
C VAL A 107 -1.06 4.16 6.15
N ASN A 108 -0.90 5.41 5.76
CA ASN A 108 -0.54 6.50 6.65
C ASN A 108 -1.70 7.46 6.77
N TYR A 109 -2.07 7.84 7.99
N TYR A 109 -2.00 7.87 8.00
CA TYR A 109 -3.18 8.78 8.17
CA TYR A 109 -3.11 8.76 8.27
C TYR A 109 -2.77 9.91 9.11
C TYR A 109 -2.61 9.94 9.06
N VAL A 110 -3.01 11.14 8.66
CA VAL A 110 -2.57 12.33 9.34
C VAL A 110 -3.54 12.63 10.48
N LEU A 111 -2.96 12.97 11.63
CA LEU A 111 -3.69 13.23 12.87
C LEU A 111 -3.69 14.72 13.28
N SER A 112 -2.92 15.53 12.57
CA SER A 112 -2.82 16.95 12.90
C SER A 112 -2.47 17.77 11.67
N GLU A 113 -2.58 19.09 11.81
CA GLU A 113 -2.02 20.00 10.83
C GLU A 113 -0.52 20.06 11.11
N ILE A 114 0.22 20.72 10.22
CA ILE A 114 1.63 20.95 10.48
C ILE A 114 1.75 21.86 11.70
N GLU A 115 2.65 21.47 12.60
CA GLU A 115 2.89 22.22 13.83
C GLU A 115 4.34 22.67 13.90
N CYS B 9 18.03 -7.91 -8.65
CA CYS B 9 17.02 -7.41 -9.59
C CYS B 9 15.67 -7.19 -8.91
N GLN B 10 15.17 -5.97 -8.97
CA GLN B 10 13.91 -5.62 -8.36
C GLN B 10 12.72 -6.21 -9.13
N PRO B 11 11.84 -6.92 -8.41
CA PRO B 11 10.59 -7.42 -8.98
C PRO B 11 9.75 -6.27 -9.54
N THR B 12 9.03 -6.51 -10.63
CA THR B 12 8.17 -5.47 -11.16
C THR B 12 6.83 -5.57 -10.45
N ARG B 13 6.41 -4.48 -9.84
CA ARG B 13 5.15 -4.48 -9.09
C ARG B 13 4.51 -3.11 -9.03
N PHE B 14 3.22 -3.10 -8.70
CA PHE B 14 2.52 -1.85 -8.49
C PHE B 14 1.45 -2.04 -7.44
N ILE B 15 1.08 -0.95 -6.81
CA ILE B 15 0.04 -0.95 -5.80
C ILE B 15 -1.32 -0.55 -6.40
N SER B 16 -2.38 -1.18 -5.90
CA SER B 16 -3.70 -0.74 -6.25
C SER B 16 -4.60 -0.75 -5.03
N ARG B 17 -5.67 0.04 -5.08
CA ARG B 17 -6.71 0.04 -4.06
C ARG B 17 -7.99 -0.38 -4.77
N HIS B 18 -8.81 -1.17 -4.05
CA HIS B 18 -10.05 -1.67 -4.63
C HIS B 18 -11.16 -1.52 -3.66
N ASN B 19 -12.37 -1.34 -4.18
CA ASN B 19 -13.51 -1.54 -3.32
C ASN B 19 -13.75 -3.04 -3.11
N ILE B 20 -14.69 -3.36 -2.23
CA ILE B 20 -14.84 -4.74 -1.83
C ILE B 20 -15.31 -5.64 -2.98
N GLU B 21 -15.94 -5.04 -3.98
CA GLU B 21 -16.34 -5.73 -5.21
C GLU B 21 -15.19 -6.08 -6.12
N GLY B 22 -14.08 -5.37 -5.99
CA GLY B 22 -12.95 -5.59 -6.88
C GLY B 22 -12.60 -4.43 -7.78
N ILE B 23 -13.38 -3.36 -7.77
CA ILE B 23 -13.14 -2.23 -8.68
C ILE B 23 -11.88 -1.45 -8.30
N PHE B 24 -11.01 -1.20 -9.26
CA PHE B 24 -9.84 -0.36 -9.01
C PHE B 24 -10.30 1.07 -8.67
N THR B 25 -9.92 1.57 -7.50
CA THR B 25 -10.22 2.94 -7.12
C THR B 25 -8.96 3.81 -6.95
N PHE B 26 -7.79 3.16 -7.05
CA PHE B 26 -6.52 3.85 -7.12
C PHE B 26 -5.52 2.90 -7.76
N VAL B 27 -4.66 3.44 -8.64
CA VAL B 27 -3.66 2.62 -9.29
C VAL B 27 -2.35 3.39 -9.37
N ASP B 28 -1.30 2.78 -8.82
CA ASP B 28 0.05 3.31 -8.88
C ASP B 28 0.59 3.22 -10.31
N HIS B 29 1.26 4.29 -10.74
N HIS B 29 1.26 4.26 -10.79
CA HIS B 29 1.80 4.48 -12.09
CA HIS B 29 1.68 4.37 -12.18
C HIS B 29 2.73 3.35 -12.54
C HIS B 29 2.80 3.40 -12.55
N ARG B 30 3.30 2.64 -11.58
CA ARG B 30 4.18 1.52 -11.88
C ARG B 30 3.42 0.41 -12.60
N CYS B 31 2.10 0.54 -12.71
CA CYS B 31 1.31 -0.42 -13.49
C CYS B 31 1.76 -0.44 -14.93
N VAL B 32 2.22 0.70 -15.46
CA VAL B 32 2.57 0.72 -16.89
C VAL B 32 3.73 -0.25 -17.14
N ALA B 33 4.77 -0.18 -16.33
CA ALA B 33 5.89 -1.09 -16.49
C ALA B 33 5.55 -2.57 -16.16
N THR B 34 4.56 -2.79 -15.30
CA THR B 34 4.20 -4.14 -14.85
C THR B 34 3.27 -4.86 -15.82
N VAL B 35 2.21 -4.18 -16.25
CA VAL B 35 1.22 -4.82 -17.12
C VAL B 35 0.88 -4.03 -18.39
N GLY B 36 1.46 -2.84 -18.55
CA GLY B 36 1.39 -2.12 -19.82
C GLY B 36 0.28 -1.11 -19.98
N TYR B 37 -0.65 -1.07 -19.03
CA TYR B 37 -1.77 -0.13 -19.09
C TYR B 37 -1.46 1.13 -18.32
N GLN B 38 -2.01 2.24 -18.80
CA GLN B 38 -2.06 3.46 -17.99
C GLN B 38 -3.06 3.29 -16.84
N PRO B 39 -2.83 4.01 -15.74
CA PRO B 39 -3.80 3.96 -14.64
C PRO B 39 -5.25 4.17 -15.09
N GLN B 40 -5.47 5.09 -16.03
CA GLN B 40 -6.84 5.40 -16.49
C GLN B 40 -7.49 4.22 -17.21
N GLU B 41 -6.69 3.26 -17.66
CA GLU B 41 -7.24 2.10 -18.36
C GLU B 41 -7.66 1.04 -17.34
N LEU B 42 -7.26 1.22 -16.08
CA LEU B 42 -7.60 0.25 -15.03
C LEU B 42 -8.68 0.82 -14.10
N LEU B 43 -8.56 2.11 -13.76
CA LEU B 43 -9.48 2.73 -12.81
C LEU B 43 -10.93 2.58 -13.24
N GLY B 44 -11.79 2.17 -12.30
CA GLY B 44 -13.20 2.02 -12.59
C GLY B 44 -13.58 0.64 -13.09
N LYS B 45 -12.58 -0.17 -13.43
CA LYS B 45 -12.82 -1.52 -13.88
C LYS B 45 -12.56 -2.51 -12.79
N ASN B 46 -13.22 -3.65 -12.84
CA ASN B 46 -12.98 -4.71 -11.88
C ASN B 46 -11.69 -5.46 -12.22
N ILE B 47 -10.90 -5.78 -11.21
CA ILE B 47 -9.67 -6.51 -11.45
C ILE B 47 -10.01 -7.82 -12.18
N VAL B 48 -11.17 -8.37 -11.91
CA VAL B 48 -11.56 -9.64 -12.53
C VAL B 48 -11.66 -9.51 -14.05
N GLU B 49 -11.91 -8.31 -14.59
CA GLU B 49 -11.97 -8.08 -16.03
C GLU B 49 -10.64 -8.33 -16.71
N PHE B 50 -9.55 -8.35 -15.94
CA PHE B 50 -8.19 -8.56 -16.45
C PHE B 50 -7.69 -9.95 -16.14
N CYS B 51 -8.54 -10.79 -15.55
CA CYS B 51 -8.11 -12.07 -15.02
C CYS B 51 -8.51 -13.22 -15.97
N HIS B 52 -7.60 -14.17 -16.13
CA HIS B 52 -7.83 -15.35 -16.94
C HIS B 52 -9.09 -16.07 -16.50
N PRO B 53 -9.89 -16.56 -17.46
CA PRO B 53 -11.15 -17.22 -17.10
C PRO B 53 -11.02 -18.29 -16.01
N GLU B 54 -9.95 -19.08 -16.07
CA GLU B 54 -9.73 -20.13 -15.09
C GLU B 54 -9.52 -19.62 -13.67
N ASP B 55 -9.01 -18.41 -13.53
CA ASP B 55 -8.64 -17.84 -12.23
C ASP B 55 -9.67 -16.85 -11.67
N GLN B 56 -10.69 -16.50 -12.48
CA GLN B 56 -11.58 -15.43 -12.10
C GLN B 56 -12.31 -15.76 -10.81
N GLN B 57 -12.80 -16.99 -10.66
CA GLN B 57 -13.59 -17.26 -9.46
C GLN B 57 -12.69 -17.23 -8.22
N LEU B 58 -11.46 -17.76 -8.36
CA LEU B 58 -10.50 -17.69 -7.28
C LEU B 58 -10.26 -16.27 -6.84
N LEU B 59 -10.13 -15.37 -7.82
CA LEU B 59 -9.87 -13.99 -7.50
C LEU B 59 -11.07 -13.35 -6.79
N ARG B 60 -12.26 -13.62 -7.31
N ARG B 60 -12.28 -13.59 -7.30
CA ARG B 60 -13.52 -13.14 -6.72
CA ARG B 60 -13.51 -13.11 -6.63
C ARG B 60 -13.65 -13.61 -5.26
C ARG B 60 -13.55 -13.58 -5.20
N ASP B 61 -13.30 -14.87 -5.02
CA ASP B 61 -13.41 -15.44 -3.69
C ASP B 61 -12.36 -14.94 -2.73
N SER B 62 -11.20 -14.60 -3.27
CA SER B 62 -10.12 -14.03 -2.48
C SER B 62 -10.53 -12.64 -1.97
N PHE B 63 -11.13 -11.84 -2.85
CA PHE B 63 -11.59 -10.53 -2.47
C PHE B 63 -12.71 -10.62 -1.43
N GLN B 64 -13.56 -11.63 -1.55
CA GLN B 64 -14.64 -11.81 -0.60
C GLN B 64 -14.06 -12.19 0.75
N GLN B 65 -13.02 -13.01 0.80
CA GLN B 65 -12.54 -13.48 2.10
C GLN B 65 -11.63 -12.47 2.80
N VAL B 66 -10.89 -11.67 2.04
CA VAL B 66 -9.89 -10.83 2.69
C VAL B 66 -10.52 -9.91 3.71
N VAL B 67 -11.76 -9.49 3.48
CA VAL B 67 -12.44 -8.61 4.42
C VAL B 67 -12.81 -9.31 5.73
N LYS B 68 -12.73 -10.64 5.77
CA LYS B 68 -13.06 -11.41 6.99
C LYS B 68 -11.85 -11.75 7.82
N LEU B 69 -10.66 -11.46 7.31
CA LEU B 69 -9.42 -11.94 7.94
C LEU B 69 -8.75 -10.90 8.84
N LYS B 70 -9.51 -9.93 9.32
CA LYS B 70 -9.06 -9.03 10.40
C LYS B 70 -7.81 -8.28 9.99
N GLY B 71 -7.75 -7.90 8.73
CA GLY B 71 -6.63 -7.12 8.25
C GLY B 71 -5.37 -7.89 7.92
N GLN B 72 -5.36 -9.22 8.03
CA GLN B 72 -4.18 -10.01 7.67
C GLN B 72 -4.06 -10.05 6.16
N VAL B 73 -2.88 -10.39 5.66
CA VAL B 73 -2.66 -10.47 4.21
C VAL B 73 -3.21 -11.77 3.68
N LEU B 74 -3.93 -11.68 2.57
CA LEU B 74 -4.29 -12.82 1.76
C LEU B 74 -3.61 -12.67 0.41
N SER B 75 -2.96 -13.76 0.00
N SER B 75 -2.91 -13.72 -0.02
N SER B 75 -2.93 -13.72 -0.02
CA SER B 75 -2.21 -13.83 -1.25
CA SER B 75 -2.24 -13.67 -1.30
CA SER B 75 -2.23 -13.68 -1.31
C SER B 75 -3.05 -14.56 -2.31
C SER B 75 -2.91 -14.61 -2.31
C SER B 75 -2.85 -14.64 -2.33
N VAL B 76 -2.89 -14.19 -3.57
CA VAL B 76 -3.46 -14.99 -4.64
C VAL B 76 -2.58 -14.88 -5.86
N MET B 77 -2.38 -15.99 -6.58
N MET B 77 -2.40 -15.99 -6.55
CA MET B 77 -1.71 -16.00 -7.87
CA MET B 77 -1.78 -16.01 -7.86
C MET B 77 -2.76 -16.10 -8.95
C MET B 77 -2.87 -16.00 -8.91
N PHE B 78 -2.61 -15.29 -9.99
CA PHE B 78 -3.53 -15.35 -11.13
C PHE B 78 -2.90 -14.78 -12.35
N ARG B 79 -3.48 -15.12 -13.49
CA ARG B 79 -3.02 -14.65 -14.77
C ARG B 79 -3.77 -13.36 -15.16
N PHE B 80 -2.97 -12.33 -15.42
CA PHE B 80 -3.43 -10.97 -15.70
C PHE B 80 -3.15 -10.68 -17.16
N ARG B 81 -4.16 -10.22 -17.88
CA ARG B 81 -4.02 -9.91 -19.30
C ARG B 81 -3.29 -8.57 -19.48
N SER B 82 -2.07 -8.65 -20.02
CA SER B 82 -1.34 -7.41 -20.26
C SER B 82 -1.93 -6.58 -21.39
N LYS B 83 -1.44 -5.38 -21.55
N LYS B 83 -1.43 -5.37 -21.55
CA LYS B 83 -1.89 -4.50 -22.62
CA LYS B 83 -1.87 -4.52 -22.65
C LYS B 83 -1.62 -5.13 -24.00
C LYS B 83 -1.71 -5.24 -23.98
N ASN B 84 -0.69 -6.09 -24.08
CA ASN B 84 -0.41 -6.81 -25.34
C ASN B 84 -1.20 -8.12 -25.44
N GLN B 85 -2.23 -8.24 -24.60
CA GLN B 85 -3.13 -9.39 -24.60
C GLN B 85 -2.46 -10.71 -24.28
N GLU B 86 -1.40 -10.65 -23.45
CA GLU B 86 -0.67 -11.84 -23.04
C GLU B 86 -0.89 -12.07 -21.56
N TRP B 87 -0.94 -13.33 -21.17
CA TRP B 87 -1.20 -13.70 -19.77
C TRP B 87 0.08 -13.67 -18.93
N LEU B 88 0.10 -12.77 -17.94
CA LEU B 88 1.24 -12.62 -17.05
C LEU B 88 0.87 -13.14 -15.68
N TRP B 89 1.74 -13.94 -15.07
CA TRP B 89 1.48 -14.39 -13.70
C TRP B 89 1.72 -13.29 -12.70
N MET B 90 0.69 -13.05 -11.91
CA MET B 90 0.73 -12.05 -10.88
C MET B 90 0.52 -12.68 -9.53
N ARG B 91 1.28 -12.23 -8.55
N ARG B 91 1.33 -12.28 -8.57
CA ARG B 91 1.04 -12.57 -7.16
CA ARG B 91 0.96 -12.54 -7.22
C ARG B 91 0.56 -11.29 -6.49
C ARG B 91 0.48 -11.23 -6.62
N THR B 92 -0.71 -11.29 -6.10
CA THR B 92 -1.33 -10.12 -5.46
C THR B 92 -1.42 -10.40 -3.98
N SER B 93 -0.78 -9.55 -3.19
CA SER B 93 -0.92 -9.63 -1.74
C SER B 93 -1.87 -8.54 -1.31
N SER B 94 -2.97 -8.89 -0.64
N SER B 94 -2.97 -8.91 -0.66
CA SER B 94 -4.04 -7.96 -0.34
CA SER B 94 -4.03 -7.97 -0.30
C SER B 94 -4.39 -7.95 1.13
C SER B 94 -4.25 -7.90 1.20
N PHE B 95 -4.84 -6.79 1.62
CA PHE B 95 -5.32 -6.70 2.98
C PHE B 95 -6.33 -5.58 3.06
N THR B 96 -7.21 -5.60 4.06
CA THR B 96 -8.19 -4.54 4.23
C THR B 96 -7.68 -3.40 5.07
N PHE B 97 -8.22 -2.23 4.78
CA PHE B 97 -8.00 -1.07 5.62
C PHE B 97 -9.28 -0.32 5.80
N GLN B 98 -9.45 0.17 7.03
N GLN B 98 -9.48 0.18 7.01
CA GLN B 98 -10.52 1.08 7.43
CA GLN B 98 -10.47 1.20 7.25
C GLN B 98 -9.88 2.11 8.37
C GLN B 98 -9.89 2.10 8.32
N ASN B 99 -10.09 3.40 8.17
CA ASN B 99 -9.56 4.39 9.11
C ASN B 99 -10.29 4.16 10.46
N PRO B 100 -9.51 3.88 11.51
CA PRO B 100 -10.08 3.47 12.78
C PRO B 100 -10.92 4.56 13.46
N TYR B 101 -10.70 5.79 13.07
CA TYR B 101 -11.50 6.92 13.60
C TYR B 101 -12.86 7.00 12.94
N SER B 102 -13.14 6.08 12.02
CA SER B 102 -14.37 6.14 11.24
C SER B 102 -15.04 4.80 11.18
N ASP B 103 -16.26 4.79 10.65
CA ASP B 103 -16.93 3.55 10.28
C ASP B 103 -17.14 3.47 8.78
N GLU B 104 -16.22 4.05 8.01
CA GLU B 104 -16.28 3.96 6.56
C GLU B 104 -16.10 2.49 6.17
N ILE B 105 -16.67 2.08 5.05
CA ILE B 105 -16.51 0.71 4.60
C ILE B 105 -15.05 0.41 4.33
N GLU B 106 -14.64 -0.80 4.69
CA GLU B 106 -13.29 -1.25 4.41
C GLU B 106 -13.04 -1.19 2.92
N TYR B 107 -11.82 -0.87 2.55
CA TYR B 107 -11.33 -1.13 1.20
C TYR B 107 -10.10 -2.02 1.23
N ILE B 108 -9.66 -2.42 0.04
CA ILE B 108 -8.64 -3.44 -0.08
C ILE B 108 -7.38 -2.83 -0.72
N ILE B 109 -6.22 -3.05 -0.10
CA ILE B 109 -4.95 -2.57 -0.64
C ILE B 109 -4.24 -3.78 -1.17
N CYS B 110 -3.74 -3.66 -2.39
CA CYS B 110 -3.07 -4.77 -3.08
C CYS B 110 -1.67 -4.36 -3.53
N THR B 111 -0.71 -5.26 -3.36
CA THR B 111 0.56 -5.15 -4.04
C THR B 111 0.58 -6.25 -5.10
N ASN B 112 0.82 -5.88 -6.35
CA ASN B 112 0.66 -6.79 -7.49
C ASN B 112 2.03 -6.97 -8.17
N THR B 113 2.59 -8.19 -8.09
CA THR B 113 3.97 -8.42 -8.56
C THR B 113 3.95 -9.45 -9.68
N ASN B 114 4.64 -9.20 -10.79
CA ASN B 114 4.77 -10.21 -11.85
C ASN B 114 5.78 -11.26 -11.38
N VAL B 115 5.35 -12.51 -11.27
CA VAL B 115 6.16 -13.58 -10.72
C VAL B 115 6.23 -14.74 -11.70
N LYS B 116 7.11 -15.69 -11.41
CA LYS B 116 7.26 -16.90 -12.21
C LYS B 116 6.32 -17.98 -11.73
N ASN B 117 5.74 -18.70 -12.68
CA ASN B 117 5.10 -19.96 -12.36
C ASN B 117 6.06 -21.06 -12.76
N SER B 118 6.87 -21.47 -11.81
N SER B 118 6.91 -21.44 -11.84
CA SER B 118 7.91 -22.46 -12.05
CA SER B 118 7.99 -22.37 -12.13
C SER B 118 8.23 -23.18 -10.75
C SER B 118 8.19 -23.33 -10.97
#